data_5JNO
#
_entry.id   5JNO
#
_cell.length_a   47.280
_cell.length_b   47.280
_cell.length_c   431.579
_cell.angle_alpha   90.00
_cell.angle_beta   90.00
_cell.angle_gamma   120.00
#
_symmetry.space_group_name_H-M   'P 61 2 2'
#
loop_
_entity.id
_entity.type
_entity.pdbx_description
1 polymer 'BEN domain-containing protein 3'
2 polymer 'DNA excision repair protein ERCC-6-like'
3 non-polymer GLYCEROL
4 water water
#
loop_
_entity_poly.entity_id
_entity_poly.type
_entity_poly.pdbx_seq_one_letter_code
_entity_poly.pdbx_strand_id
1 'polypeptide(L)'
;MVAKFQPPPEYQLTAAELKQIVDQSLSGGDLACRLLVQLFPELFSDVDFSRGCSACGFAAKRKLESLHLQLIRNYVEVYY
PSVKDTAVWQAECLPQLNDFFSRFWAQREMED
;
A
2 'polypeptide(L)' AEALSPEQAAHYLRYVKEAKEATKNGDLEEAFKLFNLAKDIFPNEKVLSRIQKIQEA B
#
loop_
_chem_comp.id
_chem_comp.type
_chem_comp.name
_chem_comp.formula
GOL non-polymer GLYCEROL 'C3 H8 O3'
#
# COMPACT_ATOMS: atom_id res chain seq x y z
N MET A 1 -2.90 -15.25 -24.99
CA MET A 1 -3.29 -15.00 -26.42
C MET A 1 -2.55 -13.82 -27.02
N VAL A 2 -2.81 -12.61 -26.52
CA VAL A 2 -2.59 -11.37 -27.32
C VAL A 2 -1.20 -10.68 -27.11
N ALA A 3 -0.83 -10.44 -25.86
CA ALA A 3 0.35 -9.65 -25.48
C ALA A 3 0.91 -10.01 -24.10
N LYS A 4 2.03 -9.39 -23.77
CA LYS A 4 2.60 -9.39 -22.42
C LYS A 4 2.20 -8.05 -21.84
N PHE A 5 1.51 -8.11 -20.71
CA PHE A 5 1.11 -6.95 -20.01
C PHE A 5 2.10 -6.84 -18.82
N GLN A 6 2.68 -5.66 -18.65
CA GLN A 6 3.39 -5.31 -17.47
C GLN A 6 2.82 -3.97 -16.99
N PRO A 7 2.75 -3.75 -15.68
CA PRO A 7 2.39 -2.41 -15.19
C PRO A 7 3.54 -1.42 -15.35
N PRO A 8 3.27 -0.11 -15.21
CA PRO A 8 4.32 0.89 -15.25
C PRO A 8 5.34 0.58 -14.17
N PRO A 9 6.60 0.96 -14.35
CA PRO A 9 7.67 0.70 -13.36
C PRO A 9 7.29 1.13 -11.95
N GLU A 10 6.69 2.28 -11.78
CA GLU A 10 6.29 2.75 -10.48
C GLU A 10 5.28 1.85 -9.76
N TYR A 11 4.61 0.94 -10.47
CA TYR A 11 3.61 0.06 -9.84
C TYR A 11 4.02 -1.39 -9.96
N GLN A 12 5.29 -1.60 -10.26
CA GLN A 12 5.86 -2.92 -10.42
C GLN A 12 6.38 -3.30 -9.05
N LEU A 13 5.95 -4.44 -8.55
CA LEU A 13 6.51 -5.00 -7.31
C LEU A 13 7.41 -6.17 -7.69
N THR A 14 8.46 -6.36 -6.92
CA THR A 14 9.24 -7.62 -7.01
C THR A 14 8.48 -8.78 -6.34
N ALA A 15 8.84 -10.01 -6.69
CA ALA A 15 8.28 -11.17 -6.02
C ALA A 15 8.54 -11.12 -4.53
N ALA A 16 9.73 -10.67 -4.14
CA ALA A 16 10.05 -10.49 -2.73
C ALA A 16 9.12 -9.48 -2.09
N GLU A 17 8.89 -8.35 -2.75
CA GLU A 17 8.00 -7.30 -2.19
C GLU A 17 6.55 -7.83 -2.07
N LEU A 18 6.09 -8.54 -3.09
CA LEU A 18 4.77 -9.15 -3.03
C LEU A 18 4.68 -10.15 -1.88
N LYS A 19 5.64 -11.07 -1.76
CA LYS A 19 5.62 -12.09 -0.68
C LYS A 19 5.51 -11.46 0.70
N GLN A 20 6.30 -10.43 0.94
CA GLN A 20 6.24 -9.71 2.20
C GLN A 20 4.84 -9.14 2.57
N ILE A 21 4.19 -8.48 1.62
CA ILE A 21 2.85 -7.93 1.84
C ILE A 21 1.87 -9.07 2.15
N VAL A 22 1.97 -10.16 1.41
CA VAL A 22 1.14 -11.33 1.62
C VAL A 22 1.35 -11.90 3.01
N ASP A 23 2.58 -11.99 3.44
CA ASP A 23 2.89 -12.55 4.74
C ASP A 23 2.23 -11.76 5.85
N GLN A 24 1.98 -10.47 5.65
CA GLN A 24 1.31 -9.66 6.68
C GLN A 24 -0.22 -9.64 6.51
N SER A 25 -0.71 -10.20 5.40
CA SER A 25 -2.11 -10.11 5.05
C SER A 25 -2.95 -11.16 5.75
N LEU A 26 -4.06 -10.72 6.33
CA LEU A 26 -4.98 -11.60 7.05
C LEU A 26 -5.91 -12.38 6.13
N SER A 27 -6.09 -11.90 4.90
CA SER A 27 -7.08 -12.44 3.97
C SER A 27 -6.82 -11.83 2.62
N GLY A 28 -7.54 -12.34 1.62
CA GLY A 28 -7.46 -11.82 0.27
C GLY A 28 -7.84 -10.37 0.22
N GLY A 29 -8.87 -10.01 0.96
CA GLY A 29 -9.37 -8.65 1.02
C GLY A 29 -8.39 -7.71 1.69
N ASP A 30 -7.75 -8.17 2.76
CA ASP A 30 -6.77 -7.36 3.45
C ASP A 30 -5.55 -7.16 2.56
N LEU A 31 -5.13 -8.23 1.89
CA LEU A 31 -4.08 -8.13 0.89
C LEU A 31 -4.43 -7.09 -0.16
N ALA A 32 -5.66 -7.10 -0.64
CA ALA A 32 -6.05 -6.11 -1.60
C ALA A 32 -5.92 -4.67 -1.06
N CYS A 33 -6.35 -4.42 0.18
CA CYS A 33 -6.25 -3.12 0.78
C CYS A 33 -4.78 -2.70 1.01
N ARG A 34 -3.92 -3.62 1.46
CA ARG A 34 -2.49 -3.33 1.62
C ARG A 34 -1.83 -2.97 0.31
N LEU A 35 -2.18 -3.72 -0.73
CA LEU A 35 -1.74 -3.42 -2.05
C LEU A 35 -2.24 -2.05 -2.52
N LEU A 36 -3.46 -1.66 -2.21
CA LEU A 36 -3.93 -0.32 -2.60
C LEU A 36 -3.02 0.81 -2.01
N VAL A 37 -2.69 0.62 -0.74
CA VAL A 37 -1.89 1.52 0.02
C VAL A 37 -0.48 1.60 -0.53
N GLN A 38 0.15 0.45 -0.78
CA GLN A 38 1.50 0.40 -1.33
C GLN A 38 1.59 0.86 -2.75
N LEU A 39 0.66 0.46 -3.62
CA LEU A 39 0.80 0.82 -5.04
C LEU A 39 0.39 2.25 -5.32
N PHE A 40 -0.65 2.74 -4.63
CA PHE A 40 -1.37 3.97 -5.05
C PHE A 40 -1.54 4.98 -3.94
N PRO A 41 -0.43 5.38 -3.29
CA PRO A 41 -0.57 6.35 -2.23
C PRO A 41 -1.08 7.71 -2.69
N GLU A 42 -0.80 8.09 -3.93
CA GLU A 42 -1.42 9.28 -4.56
C GLU A 42 -2.98 9.33 -4.44
N LEU A 43 -3.64 8.19 -4.40
CA LEU A 43 -5.12 8.13 -4.25
C LEU A 43 -5.60 8.55 -2.86
N PHE A 44 -4.67 8.69 -1.91
CA PHE A 44 -5.00 9.11 -0.55
C PHE A 44 -4.62 10.54 -0.21
N SER A 45 -4.10 11.31 -1.15
CA SER A 45 -3.73 12.70 -0.85
C SER A 45 -4.64 13.66 -1.60
N ASP A 46 -4.52 14.95 -1.30
CA ASP A 46 -5.28 15.99 -1.98
C ASP A 46 -4.50 16.52 -3.16
N ARG A 62 -13.90 7.24 -5.48
CA ARG A 62 -13.21 8.16 -6.39
C ARG A 62 -12.40 7.36 -7.43
N LYS A 63 -11.19 7.84 -7.75
CA LYS A 63 -10.31 7.28 -8.79
C LYS A 63 -9.79 5.85 -8.49
N LEU A 64 -10.46 5.13 -7.58
CA LEU A 64 -10.54 3.65 -7.66
C LEU A 64 -11.25 3.25 -8.93
N GLU A 65 -10.50 3.36 -9.99
CA GLU A 65 -10.95 3.20 -11.33
C GLU A 65 -10.51 1.76 -11.75
N SER A 66 -11.05 1.31 -12.85
CA SER A 66 -10.87 -0.05 -13.37
C SER A 66 -9.41 -0.55 -13.55
N LEU A 67 -8.58 0.22 -14.25
CA LEU A 67 -7.13 -0.13 -14.36
C LEU A 67 -6.44 -0.34 -13.01
N HIS A 68 -6.72 0.51 -12.03
CA HIS A 68 -6.12 0.40 -10.70
C HIS A 68 -6.53 -0.88 -10.00
N LEU A 69 -7.84 -1.13 -10.05
CA LEU A 69 -8.44 -2.33 -9.40
C LEU A 69 -7.93 -3.60 -10.03
N GLN A 70 -7.82 -3.63 -11.37
CA GLN A 70 -7.34 -4.80 -12.11
C GLN A 70 -5.90 -5.12 -11.77
N LEU A 71 -5.08 -4.07 -11.62
CA LEU A 71 -3.69 -4.27 -11.21
C LEU A 71 -3.63 -4.92 -9.86
N ILE A 72 -4.44 -4.44 -8.92
CA ILE A 72 -4.48 -5.03 -7.59
C ILE A 72 -4.95 -6.50 -7.65
N ARG A 73 -6.02 -6.75 -8.41
CA ARG A 73 -6.50 -8.10 -8.60
C ARG A 73 -5.43 -9.02 -9.20
N ASN A 74 -4.66 -8.55 -10.17
CA ASN A 74 -3.59 -9.38 -10.75
C ASN A 74 -2.55 -9.82 -9.69
N TYR A 75 -2.16 -8.90 -8.81
CA TYR A 75 -1.28 -9.26 -7.73
C TYR A 75 -1.95 -10.22 -6.75
N VAL A 76 -3.18 -9.91 -6.36
CA VAL A 76 -3.91 -10.76 -5.40
C VAL A 76 -3.99 -12.19 -5.91
N GLU A 77 -4.23 -12.35 -7.22
CA GLU A 77 -4.41 -13.69 -7.80
C GLU A 77 -3.17 -14.61 -7.74
N VAL A 78 -1.98 -14.03 -7.65
CA VAL A 78 -0.77 -14.80 -7.49
C VAL A 78 -0.87 -15.70 -6.27
N TYR A 79 -1.42 -15.21 -5.17
CA TYR A 79 -1.54 -16.01 -3.95
C TYR A 79 -2.96 -16.47 -3.60
N TYR A 80 -4.00 -15.90 -4.22
CA TYR A 80 -5.41 -16.34 -3.99
C TYR A 80 -5.96 -16.59 -5.38
N PRO A 81 -5.64 -17.74 -5.99
CA PRO A 81 -6.03 -17.93 -7.40
C PRO A 81 -7.54 -18.08 -7.65
N SER A 82 -8.30 -18.35 -6.60
CA SER A 82 -9.73 -18.35 -6.72
C SER A 82 -10.28 -16.96 -7.09
N VAL A 83 -9.50 -15.89 -6.84
CA VAL A 83 -9.86 -14.54 -7.24
C VAL A 83 -9.91 -14.36 -8.79
N LYS A 84 -9.32 -15.29 -9.54
CA LYS A 84 -9.59 -15.37 -10.98
C LYS A 84 -11.11 -15.52 -11.31
N ASP A 85 -11.88 -16.16 -10.45
CA ASP A 85 -13.32 -16.12 -10.56
C ASP A 85 -13.79 -14.73 -10.16
N THR A 86 -14.37 -14.01 -11.12
CA THR A 86 -14.97 -12.69 -10.87
C THR A 86 -16.00 -12.63 -9.69
N ALA A 87 -16.83 -13.66 -9.52
CA ALA A 87 -17.66 -13.75 -8.32
C ALA A 87 -16.87 -13.67 -6.99
N VAL A 88 -15.73 -14.33 -6.93
CA VAL A 88 -14.89 -14.31 -5.72
C VAL A 88 -14.32 -12.91 -5.51
N TRP A 89 -13.81 -12.31 -6.58
CA TRP A 89 -13.34 -10.95 -6.56
C TRP A 89 -14.41 -10.01 -6.06
N GLN A 90 -15.61 -10.14 -6.61
CA GLN A 90 -16.70 -9.24 -6.21
C GLN A 90 -17.31 -9.54 -4.84
N ALA A 91 -17.19 -10.78 -4.38
CA ALA A 91 -17.70 -11.17 -3.05
C ALA A 91 -16.75 -10.82 -1.92
N GLU A 92 -15.44 -10.89 -2.13
CA GLU A 92 -14.48 -10.76 -1.04
C GLU A 92 -13.69 -9.42 -1.17
N CYS A 93 -12.88 -9.32 -2.22
CA CYS A 93 -11.94 -8.24 -2.34
C CYS A 93 -12.54 -6.89 -2.63
N LEU A 94 -13.40 -6.84 -3.64
CA LEU A 94 -13.88 -5.58 -4.15
C LEU A 94 -14.73 -4.76 -3.14
N PRO A 95 -15.66 -5.42 -2.40
CA PRO A 95 -16.35 -4.63 -1.37
C PRO A 95 -15.39 -4.15 -0.27
N GLN A 96 -14.44 -4.98 0.11
CA GLN A 96 -13.46 -4.59 1.11
C GLN A 96 -12.60 -3.39 0.69
N LEU A 97 -12.09 -3.40 -0.54
CA LEU A 97 -11.38 -2.23 -1.10
C LEU A 97 -12.21 -0.95 -1.08
N ASN A 98 -13.45 -1.02 -1.54
CA ASN A 98 -14.31 0.15 -1.60
C ASN A 98 -14.67 0.66 -0.23
N ASP A 99 -14.98 -0.24 0.69
CA ASP A 99 -15.28 0.14 2.05
C ASP A 99 -14.03 0.70 2.83
N PHE A 100 -12.85 0.12 2.61
CA PHE A 100 -11.57 0.69 3.10
C PHE A 100 -11.39 2.12 2.62
N PHE A 101 -11.52 2.31 1.31
CA PHE A 101 -11.37 3.61 0.68
C PHE A 101 -12.42 4.65 1.14
N SER A 102 -13.70 4.27 1.21
CA SER A 102 -14.75 5.10 1.78
C SER A 102 -14.44 5.49 3.19
N ARG A 103 -14.05 4.51 4.00
CA ARG A 103 -13.75 4.78 5.43
C ARG A 103 -12.58 5.75 5.58
N PHE A 104 -11.52 5.55 4.80
CA PHE A 104 -10.36 6.43 4.87
C PHE A 104 -10.81 7.87 4.61
N TRP A 105 -11.55 8.08 3.53
CA TRP A 105 -12.01 9.43 3.17
C TRP A 105 -13.00 10.07 4.11
N ALA A 106 -13.89 9.29 4.68
CA ALA A 106 -14.78 9.84 5.67
C ALA A 106 -14.02 10.20 6.94
N GLN A 107 -13.08 9.37 7.33
CA GLN A 107 -12.20 9.69 8.48
C GLN A 107 -11.47 10.99 8.27
N ARG A 108 -10.92 11.19 7.08
CA ARG A 108 -10.29 12.47 6.74
C ARG A 108 -11.29 13.62 6.80
N GLU A 109 -12.49 13.44 6.23
CA GLU A 109 -13.51 14.48 6.25
C GLU A 109 -13.93 14.88 7.69
N MET A 110 -14.11 14.15 8.36
CA MET A 110 -14.33 14.32 9.81
C MET A 110 -13.15 14.89 10.56
N GLU A 111 -11.94 14.71 10.46
CA GLU A 111 -10.83 15.42 11.14
C GLU A 111 -11.14 16.90 11.40
N ASP A 112 -11.81 17.56 10.44
CA ASP A 112 -12.17 19.00 10.56
C ASP A 112 -13.65 19.27 10.27
N ALA B 1 -1.28 -12.18 11.55
CA ALA B 1 -1.05 -10.91 12.28
C ALA B 1 -1.68 -9.72 11.53
N GLU B 2 -3.02 -9.63 11.60
CA GLU B 2 -3.78 -8.35 11.66
C GLU B 2 -4.12 -7.63 10.32
N ALA B 3 -5.36 -7.14 10.22
CA ALA B 3 -5.82 -6.39 9.03
C ALA B 3 -5.42 -4.94 9.12
N LEU B 4 -4.97 -4.35 8.01
CA LEU B 4 -4.64 -2.93 8.01
C LEU B 4 -5.94 -2.12 8.09
N SER B 5 -6.07 -1.33 9.14
CA SER B 5 -7.20 -0.40 9.32
C SER B 5 -6.96 0.87 8.52
N PRO B 6 -8.03 1.58 8.16
CA PRO B 6 -7.83 2.84 7.48
C PRO B 6 -7.07 3.89 8.30
N GLU B 7 -7.20 3.80 9.62
CA GLU B 7 -6.48 4.63 10.57
C GLU B 7 -4.99 4.39 10.48
N GLN B 8 -4.62 3.12 10.51
CA GLN B 8 -3.23 2.73 10.34
C GLN B 8 -2.70 3.23 8.99
N ALA B 9 -3.43 2.97 7.91
CA ALA B 9 -2.98 3.38 6.59
C ALA B 9 -2.72 4.85 6.54
N ALA B 10 -3.63 5.62 7.15
CA ALA B 10 -3.52 7.08 7.10
C ALA B 10 -2.24 7.55 7.79
N HIS B 11 -1.95 6.98 8.95
CA HIS B 11 -0.73 7.28 9.70
C HIS B 11 0.52 6.85 8.94
N TYR B 12 0.49 5.62 8.42
CA TYR B 12 1.56 5.12 7.56
C TYR B 12 1.85 6.09 6.41
N LEU B 13 0.81 6.45 5.69
CA LEU B 13 0.98 7.32 4.54
C LEU B 13 1.47 8.75 4.88
N ARG B 14 0.99 9.32 5.98
CA ARG B 14 1.41 10.66 6.36
C ARG B 14 2.91 10.60 6.77
N TYR B 15 3.27 9.56 7.53
CA TYR B 15 4.66 9.34 7.95
C TYR B 15 5.62 9.25 6.78
N VAL B 16 5.27 8.47 5.77
CA VAL B 16 6.12 8.36 4.57
C VAL B 16 6.18 9.68 3.83
N LYS B 17 5.04 10.35 3.65
CA LYS B 17 5.05 11.64 2.97
C LYS B 17 6.03 12.62 3.66
N GLU B 18 5.95 12.69 4.99
CA GLU B 18 6.76 13.62 5.78
C GLU B 18 8.22 13.20 5.86
N ALA B 19 8.47 11.89 5.91
CA ALA B 19 9.84 11.37 5.88
C ALA B 19 10.53 11.71 4.56
N LYS B 20 9.79 11.63 3.45
CA LYS B 20 10.34 12.06 2.16
C LYS B 20 10.65 13.55 2.11
N GLU B 21 9.75 14.39 2.62
CA GLU B 21 9.95 15.84 2.64
C GLU B 21 11.13 16.20 3.52
N ALA B 22 11.20 15.57 4.69
CA ALA B 22 12.33 15.73 5.60
C ALA B 22 13.67 15.38 4.93
N THR B 23 13.67 14.31 4.15
CA THR B 23 14.87 13.89 3.41
C THR B 23 15.23 14.95 2.38
N LYS B 24 14.25 15.39 1.58
CA LYS B 24 14.42 16.53 0.66
C LYS B 24 15.07 17.75 1.34
N ASN B 25 14.60 18.07 2.53
CA ASN B 25 15.13 19.22 3.26
C ASN B 25 16.51 19.02 3.85
N GLY B 26 16.87 17.77 4.13
CA GLY B 26 18.17 17.43 4.68
C GLY B 26 18.12 17.01 6.14
N ASP B 27 16.93 17.05 6.75
CA ASP B 27 16.75 16.65 8.15
C ASP B 27 16.57 15.14 8.20
N LEU B 28 17.71 14.46 8.21
CA LEU B 28 17.76 13.02 8.24
C LEU B 28 17.32 12.44 9.60
N GLU B 29 17.44 13.25 10.64
CA GLU B 29 17.03 12.86 11.99
C GLU B 29 15.54 12.61 12.04
N GLU B 30 14.80 13.55 11.49
CA GLU B 30 13.34 13.52 11.43
C GLU B 30 12.88 12.41 10.46
N ALA B 31 13.51 12.36 9.29
CA ALA B 31 13.23 11.31 8.32
C ALA B 31 13.36 9.90 8.92
N PHE B 32 14.44 9.68 9.67
CA PHE B 32 14.74 8.39 10.28
C PHE B 32 13.67 8.04 11.29
N LYS B 33 13.33 9.00 12.15
CA LYS B 33 12.26 8.80 13.11
C LYS B 33 10.94 8.45 12.37
N LEU B 34 10.58 9.24 11.35
CA LEU B 34 9.29 9.03 10.65
C LEU B 34 9.22 7.72 9.84
N PHE B 35 10.24 7.43 9.02
CA PHE B 35 10.33 6.12 8.38
C PHE B 35 10.21 4.97 9.37
N ASN B 36 10.75 5.12 10.58
CA ASN B 36 10.63 4.05 11.57
C ASN B 36 9.24 3.86 12.12
N LEU B 37 8.52 4.96 12.33
CA LEU B 37 7.12 4.91 12.75
C LEU B 37 6.23 4.26 11.66
N ALA B 38 6.55 4.54 10.40
CA ALA B 38 5.96 3.84 9.26
C ALA B 38 6.25 2.32 9.24
N LYS B 39 7.52 1.97 9.39
CA LYS B 39 7.93 0.57 9.47
C LYS B 39 7.18 -0.20 10.55
N ASP B 40 6.87 0.48 11.64
CA ASP B 40 6.17 -0.15 12.77
C ASP B 40 4.72 -0.46 12.46
N ILE B 41 4.12 0.29 11.54
CA ILE B 41 2.75 0.01 11.10
C ILE B 41 2.75 -1.02 9.96
N PHE B 42 3.60 -0.80 8.95
CA PHE B 42 3.52 -1.58 7.70
C PHE B 42 4.93 -1.75 7.13
N PRO B 43 5.68 -2.75 7.64
CA PRO B 43 7.05 -2.88 7.19
C PRO B 43 7.12 -3.29 5.72
N ASN B 44 8.06 -2.73 4.95
CA ASN B 44 8.27 -3.12 3.56
C ASN B 44 9.65 -2.71 3.07
N GLU B 45 10.18 -3.48 2.13
CA GLU B 45 11.47 -3.27 1.51
C GLU B 45 11.80 -1.80 1.24
N LYS B 46 10.87 -1.05 0.65
CA LYS B 46 11.15 0.33 0.25
C LYS B 46 11.43 1.26 1.43
N VAL B 47 10.69 1.11 2.53
CA VAL B 47 10.87 1.92 3.72
C VAL B 47 12.13 1.47 4.47
N LEU B 48 12.26 0.18 4.75
CA LEU B 48 13.47 -0.36 5.39
C LEU B 48 14.70 0.07 4.62
N SER B 49 14.54 0.19 3.30
CA SER B 49 15.59 0.70 2.44
C SER B 49 16.05 2.12 2.78
N ARG B 50 15.52 2.73 3.85
CA ARG B 50 16.28 3.72 4.65
C ARG B 50 16.17 3.40 6.16
N ILE B 51 17.20 2.84 6.85
CA ILE B 51 18.62 2.65 6.42
C ILE B 51 19.17 3.86 5.66
N GLN B 52 20.12 3.69 4.71
CA GLN B 52 20.93 4.81 4.20
C GLN B 52 21.16 5.75 5.36
N LYS B 53 21.63 5.17 6.46
CA LYS B 53 21.88 5.88 7.68
C LYS B 53 23.40 5.99 7.61
N ILE B 54 23.81 7.01 6.85
CA ILE B 54 25.18 7.28 6.47
C ILE B 54 25.56 8.59 7.16
N GLN B 55 26.84 8.75 7.47
CA GLN B 55 27.24 9.74 8.48
C GLN B 55 28.63 10.38 8.25
N GLU B 56 29.65 9.51 8.15
CA GLU B 56 31.04 9.91 8.06
C GLU B 56 31.53 10.73 9.27
N ALA B 57 30.63 11.07 10.22
CA ALA B 57 30.85 12.15 11.21
C ALA B 57 31.74 11.73 12.38
C1 GOL C . -11.11 -4.78 -13.15
O1 GOL C . -11.79 -3.56 -12.84
C2 GOL C . -12.03 -5.95 -12.85
O2 GOL C . -11.36 -7.21 -12.92
C3 GOL C . -12.48 -5.81 -11.41
O3 GOL C . -12.84 -4.49 -10.99
#